data_3K0Y
#
_entry.id   3K0Y
#
_cell.length_a   71.722
_cell.length_b   71.722
_cell.length_c   102.566
_cell.angle_alpha   90.00
_cell.angle_beta   90.00
_cell.angle_gamma   120.00
#
_symmetry.space_group_name_H-M   'P 31 2 1'
#
loop_
_entity.id
_entity.type
_entity.pdbx_description
1 polymer 'Putative TOXIN related protein'
2 non-polymer 'NONAETHYLENE GLYCOL'
3 water water
#
_entity_poly.entity_id   1
_entity_poly.type   'polypeptide(L)'
_entity_poly.pdbx_seq_one_letter_code
;GDDNSYSLGDIWIAVATVVPEGNNVYYLRLDDGDKLWPAATNYPNYQPKPNQRALVNFTILADSTQSNLGGFSHYIKVNA
IHNILTKSIAKNEGAANDSIYGTDPVSIYNNN(MSE)WIGDGYLNIYFETLWGGKTAHFINLIQPDAENDPYTLEFRHNA
YDDPQYTIGAGRVAFNLSSLPDTKGETVDLVVNYWTSEGKQAYKLKYNSDKTK(MSE)EDTSQGYTNDSISNITD(MSE)
K
;
_entity_poly.pdbx_strand_id   A
#
loop_
_chem_comp.id
_chem_comp.type
_chem_comp.name
_chem_comp.formula
2PE non-polymer 'NONAETHYLENE GLYCOL' 'C18 H38 O10'
#
# COMPACT_ATOMS: atom_id res chain seq x y z
N ASP A 10 -18.63 1.08 17.68
CA ASP A 10 -18.04 2.14 18.52
C ASP A 10 -16.57 2.30 18.12
N ILE A 11 -15.81 1.23 18.33
CA ILE A 11 -14.40 1.16 17.96
C ILE A 11 -14.29 0.65 16.53
N TRP A 12 -13.57 1.39 15.68
CA TRP A 12 -13.28 0.99 14.32
C TRP A 12 -11.76 0.83 14.10
N ILE A 13 -11.37 -0.14 13.28
CA ILE A 13 -9.99 -0.26 12.85
C ILE A 13 -9.98 -0.24 11.36
N ALA A 14 -9.16 0.65 10.78
CA ALA A 14 -9.09 0.82 9.33
C ALA A 14 -7.73 1.39 8.86
N VAL A 15 -7.39 1.12 7.59
CA VAL A 15 -6.27 1.73 6.94
C VAL A 15 -6.76 3.12 6.45
N ALA A 16 -6.00 4.17 6.75
CA ALA A 16 -6.31 5.54 6.35
C ALA A 16 -5.10 6.22 5.78
N THR A 17 -5.34 7.21 4.93
CA THR A 17 -4.30 8.13 4.52
C THR A 17 -4.29 9.36 5.43
N VAL A 18 -3.10 9.69 5.92
CA VAL A 18 -2.88 10.86 6.73
C VAL A 18 -2.75 12.07 5.80
N VAL A 19 -3.56 13.08 6.03
CA VAL A 19 -3.40 14.31 5.24
C VAL A 19 -3.04 15.49 6.13
N PRO A 20 -1.77 15.93 6.12
CA PRO A 20 -1.36 17.11 6.92
C PRO A 20 -2.09 18.40 6.59
N GLU A 21 -2.03 19.38 7.49
CA GLU A 21 -2.51 20.74 7.22
C GLU A 21 -1.59 21.85 7.74
N GLY A 22 -1.11 21.71 8.98
CA GLY A 22 -0.17 22.66 9.56
C GLY A 22 0.31 22.17 10.93
N ASN A 23 1.59 22.42 11.22
CA ASN A 23 2.27 21.87 12.41
C ASN A 23 2.02 20.35 12.53
N ASN A 24 1.34 19.93 13.59
CA ASN A 24 1.03 18.52 13.79
C ASN A 24 -0.44 18.24 13.56
N VAL A 25 -1.13 19.12 12.81
CA VAL A 25 -2.55 18.94 12.46
C VAL A 25 -2.75 18.15 11.16
N TYR A 26 -3.73 17.27 11.17
CA TYR A 26 -3.97 16.36 10.04
C TYR A 26 -5.39 15.84 10.08
N TYR A 27 -5.92 15.47 8.92
CA TYR A 27 -7.13 14.64 8.90
C TYR A 27 -6.84 13.30 8.23
N LEU A 28 -7.78 12.39 8.30
CA LEU A 28 -7.59 11.03 7.78
C LEU A 28 -8.56 10.77 6.68
N ARG A 29 -8.07 10.19 5.58
CA ARG A 29 -8.92 9.83 4.43
C ARG A 29 -9.07 8.30 4.32
N LEU A 30 -10.30 7.80 4.41
CA LEU A 30 -10.53 6.37 4.39
C LEU A 30 -10.58 5.88 2.94
N ASP A 31 -10.48 4.57 2.72
CA ASP A 31 -10.57 4.05 1.35
C ASP A 31 -11.88 4.46 0.62
N ASP A 32 -13.03 4.41 1.29
CA ASP A 32 -14.30 4.83 0.63
C ASP A 32 -14.42 6.36 0.52
N GLY A 33 -13.31 7.08 0.75
CA GLY A 33 -13.22 8.53 0.53
C GLY A 33 -13.70 9.41 1.67
N ASP A 34 -14.35 8.83 2.67
CA ASP A 34 -14.76 9.62 3.84
C ASP A 34 -13.55 10.26 4.53
N LYS A 35 -13.73 11.51 4.97
CA LYS A 35 -12.73 12.21 5.75
C LYS A 35 -13.07 12.17 7.23
N LEU A 36 -12.06 12.00 8.08
CA LEU A 36 -12.25 11.95 9.51
C LEU A 36 -11.35 12.99 10.14
N TRP A 37 -11.93 13.83 10.98
CA TRP A 37 -11.26 14.97 11.58
C TRP A 37 -11.10 14.70 13.07
N PRO A 38 -9.84 14.53 13.54
CA PRO A 38 -9.61 14.23 14.95
C PRO A 38 -10.03 15.38 15.87
N ALA A 39 -11.08 15.16 16.65
CA ALA A 39 -11.50 16.11 17.68
C ALA A 39 -10.69 15.86 18.97
N ALA A 40 -10.22 14.63 19.15
CA ALA A 40 -9.35 14.28 20.26
C ALA A 40 -8.35 13.19 19.81
N THR A 41 -7.34 12.92 20.64
CA THR A 41 -6.31 11.95 20.31
C THR A 41 -5.60 11.48 21.55
N ASN A 42 -5.27 10.19 21.61
CA ASN A 42 -4.27 9.70 22.59
C ASN A 42 -2.82 9.93 22.18
N TYR A 43 -2.56 10.28 20.91
CA TYR A 43 -1.18 10.60 20.46
C TYR A 43 -1.03 12.06 19.98
N PRO A 44 -0.96 13.03 20.90
CA PRO A 44 -0.95 14.39 20.40
C PRO A 44 0.37 14.80 19.72
N ASN A 45 1.44 14.01 19.89
CA ASN A 45 2.75 14.33 19.35
C ASN A 45 3.03 13.58 18.05
N TYR A 46 2.00 13.00 17.46
CA TYR A 46 2.08 12.30 16.19
C TYR A 46 2.48 13.29 15.11
N GLN A 47 3.40 12.92 14.26
CA GLN A 47 3.86 13.80 13.19
C GLN A 47 3.25 13.35 11.85
N PRO A 48 2.25 14.08 11.35
CA PRO A 48 1.68 13.68 10.10
C PRO A 48 2.63 14.01 8.97
N LYS A 49 2.66 13.12 7.98
CA LYS A 49 3.50 13.27 6.81
C LYS A 49 2.63 13.18 5.55
N PRO A 50 3.05 13.86 4.48
CA PRO A 50 2.29 13.71 3.24
C PRO A 50 2.39 12.30 2.70
N ASN A 51 1.31 11.77 2.16
CA ASN A 51 1.35 10.49 1.43
C ASN A 51 1.78 9.27 2.27
N GLN A 52 1.23 9.17 3.46
CA GLN A 52 1.60 8.15 4.44
C GLN A 52 0.31 7.47 4.83
N ARG A 53 0.28 6.15 4.82
CA ARG A 53 -0.91 5.44 5.34
C ARG A 53 -0.64 4.96 6.75
N ALA A 54 -1.70 4.67 7.47
CA ALA A 54 -1.61 4.22 8.85
C ALA A 54 -2.78 3.29 9.18
N LEU A 55 -2.53 2.37 10.08
CA LEU A 55 -3.58 1.60 10.71
C LEU A 55 -4.08 2.42 11.91
N VAL A 56 -5.35 2.80 11.86
CA VAL A 56 -5.95 3.69 12.84
C VAL A 56 -7.08 3.02 13.64
N ASN A 57 -6.99 3.11 14.96
CA ASN A 57 -8.04 2.68 15.88
C ASN A 57 -8.72 3.97 16.35
N PHE A 58 -9.99 4.14 15.98
CA PHE A 58 -10.71 5.38 16.23
C PHE A 58 -12.15 5.11 16.72
N THR A 59 -12.67 6.11 17.41
CA THR A 59 -14.04 6.12 17.93
C THR A 59 -14.75 7.33 17.35
N ILE A 60 -15.90 7.11 16.73
CA ILE A 60 -16.67 8.18 16.11
C ILE A 60 -17.33 9.02 17.21
N LEU A 61 -17.19 10.34 17.13
CA LEU A 61 -17.73 11.25 18.16
C LEU A 61 -19.02 11.95 17.71
N ALA A 62 -19.15 12.16 16.39
CA ALA A 62 -20.31 12.85 15.84
C ALA A 62 -20.27 12.76 14.31
N ASP A 63 -21.43 12.42 13.73
CA ASP A 63 -21.52 12.02 12.33
C ASP A 63 -22.38 12.98 11.51
N SER A 73 -17.50 12.97 6.07
CA SER A 73 -16.89 13.88 7.04
C SER A 73 -17.43 13.69 8.45
N HIS A 74 -16.53 13.34 9.37
CA HIS A 74 -16.91 13.07 10.76
C HIS A 74 -15.81 13.46 11.73
N TYR A 75 -16.19 13.68 12.98
CA TYR A 75 -15.24 13.96 14.06
C TYR A 75 -14.88 12.65 14.74
N ILE A 76 -13.61 12.47 15.09
CA ILE A 76 -13.18 11.24 15.77
C ILE A 76 -12.24 11.47 16.93
N LYS A 77 -12.12 10.44 17.77
CA LYS A 77 -10.99 10.31 18.67
C LYS A 77 -10.05 9.24 18.07
N VAL A 78 -8.81 9.64 17.81
CA VAL A 78 -7.76 8.71 17.46
C VAL A 78 -7.36 7.99 18.74
N ASN A 79 -7.65 6.70 18.84
CA ASN A 79 -7.21 5.92 19.99
C ASN A 79 -5.78 5.46 19.81
N ALA A 80 -5.45 5.02 18.60
CA ALA A 80 -4.08 4.64 18.27
C ALA A 80 -3.86 4.82 16.76
N ILE A 81 -2.61 4.98 16.37
CA ILE A 81 -2.30 5.18 14.97
C ILE A 81 -0.90 4.61 14.76
N HIS A 82 -0.84 3.59 13.91
CA HIS A 82 0.38 2.87 13.61
CA HIS A 82 0.42 2.90 13.61
C HIS A 82 0.69 3.01 12.12
N ASN A 83 1.74 3.75 11.79
CA ASN A 83 2.09 3.93 10.38
C ASN A 83 2.33 2.60 9.67
N ILE A 84 1.89 2.57 8.42
CA ILE A 84 2.11 1.45 7.55
C ILE A 84 3.24 1.92 6.60
N LEU A 85 4.23 1.09 6.39
CA LEU A 85 5.27 1.42 5.40
C LEU A 85 4.61 1.83 4.05
N THR A 86 4.86 3.06 3.62
CA THR A 86 4.26 3.66 2.43
C THR A 86 5.35 4.12 1.45
N LYS A 87 5.36 3.57 0.24
CA LYS A 87 6.41 3.81 -0.70
C LYS A 87 5.85 4.09 -2.08
N SER A 88 6.66 4.65 -2.96
CA SER A 88 6.23 4.74 -4.31
C SER A 88 6.81 3.56 -5.06
N ILE A 89 6.31 3.36 -6.28
CA ILE A 89 6.81 2.31 -7.18
C ILE A 89 8.34 2.52 -7.36
N ALA A 90 9.16 1.46 -7.24
CA ALA A 90 10.62 1.62 -7.33
C ALA A 90 11.13 1.53 -8.78
N LYS A 91 12.35 1.99 -9.01
CA LYS A 91 12.88 1.99 -10.36
C LYS A 91 13.13 0.54 -10.81
N ASN A 92 12.78 0.23 -12.06
CA ASN A 92 13.12 -1.05 -12.65
C ASN A 92 14.67 -1.07 -12.68
N GLU A 93 15.24 -2.24 -12.40
CA GLU A 93 16.69 -2.41 -12.45
C GLU A 93 17.03 -3.51 -13.41
N GLY A 94 16.06 -3.90 -14.21
CA GLY A 94 16.37 -4.75 -15.36
C GLY A 94 16.72 -6.16 -14.94
N ALA A 95 17.83 -6.63 -15.50
CA ALA A 95 18.46 -7.90 -15.16
C ALA A 95 18.83 -8.04 -13.66
N ALA A 96 19.04 -6.91 -12.99
CA ALA A 96 19.42 -6.92 -11.57
C ALA A 96 18.18 -6.88 -10.60
N ASN A 97 16.96 -6.97 -11.12
CA ASN A 97 15.77 -6.98 -10.28
C ASN A 97 15.74 -8.07 -9.25
N ASP A 98 16.01 -9.30 -9.62
CA ASP A 98 16.00 -10.41 -8.69
C ASP A 98 16.99 -10.20 -7.59
N SER A 99 18.19 -9.77 -7.94
CA SER A 99 19.26 -9.55 -7.00
C SER A 99 19.02 -8.36 -6.06
N ILE A 100 18.49 -7.26 -6.57
CA ILE A 100 18.27 -6.09 -5.76
C ILE A 100 16.94 -6.24 -4.98
N TYR A 101 15.87 -6.64 -5.68
CA TYR A 101 14.56 -6.62 -5.09
C TYR A 101 14.15 -7.91 -4.42
N GLY A 102 14.81 -9.01 -4.74
CA GLY A 102 14.66 -10.26 -3.99
C GLY A 102 13.68 -11.23 -4.62
N THR A 103 13.77 -12.49 -4.23
CA THR A 103 12.92 -13.54 -4.77
C THR A 103 12.38 -14.39 -3.62
N ASP A 104 12.43 -13.81 -2.43
CA ASP A 104 12.07 -14.53 -1.23
C ASP A 104 10.54 -14.63 -1.15
N PRO A 105 10.01 -15.85 -1.12
CA PRO A 105 8.57 -15.97 -1.19
C PRO A 105 7.80 -15.34 -0.04
N VAL A 106 6.57 -14.97 -0.35
CA VAL A 106 5.60 -14.50 0.62
C VAL A 106 4.27 -15.23 0.42
N SER A 107 3.37 -14.99 1.36
CA SER A 107 2.01 -15.48 1.33
C SER A 107 1.02 -14.28 1.27
N ILE A 108 0.20 -14.18 0.24
CA ILE A 108 -0.89 -13.20 0.19
C ILE A 108 -2.24 -13.89 -0.12
N TYR A 109 -3.21 -13.83 0.77
CA TYR A 109 -4.49 -14.41 0.48
C TYR A 109 -5.31 -13.39 -0.29
N ASN A 110 -6.21 -13.91 -1.08
CA ASN A 110 -7.30 -13.12 -1.68
C ASN A 110 -8.01 -12.28 -0.59
N ASN A 111 -8.08 -11.00 -0.88
CA ASN A 111 -8.76 -9.98 -0.06
C ASN A 111 -7.75 -9.25 0.79
N ASN A 112 -6.50 -9.72 0.77
CA ASN A 112 -5.41 -9.13 1.55
C ASN A 112 -4.58 -8.25 0.64
N MSE A 113 -5.06 -8.11 -0.60
CA MSE A 113 -4.49 -7.10 -1.50
C MSE A 113 -5.62 -6.25 -2.04
O MSE A 113 -6.55 -6.78 -2.58
CB MSE A 113 -3.79 -7.77 -2.68
CG MSE A 113 -2.95 -6.77 -3.41
SE MSE A 113 -1.94 -7.40 -4.97
CE MSE A 113 -0.91 -8.78 -4.24
N TRP A 114 -5.57 -4.92 -1.90
CA TRP A 114 -6.67 -4.12 -2.43
C TRP A 114 -6.24 -2.73 -2.80
N ILE A 115 -6.97 -2.11 -3.73
CA ILE A 115 -6.78 -0.71 -4.09
C ILE A 115 -7.64 0.16 -3.20
N GLY A 116 -7.05 1.18 -2.58
CA GLY A 116 -7.78 2.08 -1.72
C GLY A 116 -7.06 3.43 -1.68
N ASP A 117 -7.83 4.49 -1.94
CA ASP A 117 -7.35 5.86 -1.96
C ASP A 117 -6.06 6.01 -2.84
N GLY A 118 -6.03 5.36 -4.00
CA GLY A 118 -4.89 5.48 -4.97
C GLY A 118 -3.63 4.70 -4.57
N TYR A 119 -3.76 3.87 -3.53
CA TYR A 119 -2.67 3.01 -3.12
C TYR A 119 -3.02 1.58 -3.39
N LEU A 120 -1.99 0.79 -3.65
CA LEU A 120 -2.10 -0.64 -3.55
C LEU A 120 -1.71 -1.02 -2.10
N ASN A 121 -2.63 -1.66 -1.41
CA ASN A 121 -2.49 -2.06 -0.05
C ASN A 121 -2.30 -3.57 0.04
N ILE A 122 -1.34 -3.99 0.84
CA ILE A 122 -1.03 -5.36 0.99
C ILE A 122 -0.86 -5.71 2.44
N TYR A 123 -1.46 -6.84 2.84
CA TYR A 123 -1.19 -7.57 4.07
C TYR A 123 -0.63 -8.91 3.64
N PHE A 124 0.60 -9.21 4.06
CA PHE A 124 1.32 -10.40 3.58
C PHE A 124 1.99 -11.08 4.74
N GLU A 125 2.34 -12.34 4.55
CA GLU A 125 3.08 -13.06 5.56
C GLU A 125 4.32 -13.66 4.97
N THR A 126 5.30 -13.89 5.82
CA THR A 126 6.54 -14.50 5.37
C THR A 126 7.25 -15.00 6.61
N LEU A 127 8.49 -15.46 6.46
CA LEU A 127 9.29 -15.97 7.56
C LEU A 127 10.33 -14.91 7.92
N TRP A 128 10.48 -14.67 9.23
CA TRP A 128 11.36 -13.66 9.80
C TRP A 128 12.28 -14.29 10.85
N GLY A 129 13.41 -13.62 11.09
CA GLY A 129 14.40 -14.11 12.05
C GLY A 129 14.88 -13.07 13.03
N GLY A 130 14.55 -11.80 12.82
CA GLY A 130 14.86 -10.73 13.75
C GLY A 130 16.25 -10.17 13.55
N LYS A 131 16.95 -10.61 12.53
CA LYS A 131 18.37 -10.29 12.32
C LYS A 131 18.58 -9.20 11.26
N THR A 132 17.82 -9.23 10.19
CA THR A 132 18.01 -8.28 9.07
C THR A 132 16.68 -7.84 8.53
N ALA A 133 16.59 -6.53 8.33
CA ALA A 133 15.47 -5.83 7.77
C ALA A 133 15.16 -6.34 6.34
N HIS A 134 13.90 -6.60 6.05
CA HIS A 134 13.48 -7.03 4.72
C HIS A 134 13.14 -5.82 3.84
N PHE A 135 13.45 -5.89 2.53
CA PHE A 135 13.23 -4.82 1.56
C PHE A 135 11.96 -5.17 0.79
N ILE A 136 10.99 -4.27 0.76
CA ILE A 136 9.63 -4.50 0.26
C ILE A 136 9.41 -3.49 -0.86
N ASN A 137 9.09 -3.96 -2.05
CA ASN A 137 8.89 -3.05 -3.18
C ASN A 137 7.83 -3.48 -4.19
N LEU A 138 7.41 -2.53 -4.98
CA LEU A 138 6.51 -2.77 -6.10
C LEU A 138 7.19 -2.15 -7.33
N ILE A 139 7.39 -2.95 -8.36
CA ILE A 139 8.07 -2.50 -9.58
C ILE A 139 7.32 -2.81 -10.84
N GLN A 140 7.64 -2.07 -11.89
CA GLN A 140 7.06 -2.35 -13.23
C GLN A 140 8.12 -3.00 -14.09
N PRO A 141 8.04 -4.31 -14.36
CA PRO A 141 9.08 -4.86 -15.19
C PRO A 141 9.17 -4.24 -16.62
N ASP A 142 8.08 -3.72 -17.17
CA ASP A 142 8.09 -3.14 -18.53
C ASP A 142 7.00 -2.08 -18.56
N ALA A 143 7.34 -0.87 -18.12
CA ALA A 143 6.35 0.20 -18.01
C ALA A 143 5.94 0.74 -19.37
N GLU A 144 6.77 0.59 -20.40
CA GLU A 144 6.40 1.01 -21.70
C GLU A 144 5.33 0.09 -22.30
N ASN A 145 5.52 -1.22 -22.23
CA ASN A 145 4.62 -2.11 -23.01
C ASN A 145 3.51 -2.67 -22.18
N ASP A 146 3.62 -2.55 -20.87
CA ASP A 146 2.75 -3.27 -19.94
C ASP A 146 2.70 -2.45 -18.66
N PRO A 147 2.24 -1.19 -18.75
CA PRO A 147 2.33 -0.29 -17.59
C PRO A 147 1.53 -0.74 -16.34
N TYR A 148 0.46 -1.50 -16.57
CA TYR A 148 -0.44 -1.92 -15.50
C TYR A 148 -0.16 -3.30 -14.98
N THR A 149 1.03 -3.83 -15.28
CA THR A 149 1.49 -5.12 -14.78
C THR A 149 2.63 -4.77 -13.81
N LEU A 150 2.46 -5.17 -12.55
CA LEU A 150 3.41 -4.88 -11.49
C LEU A 150 3.90 -6.15 -10.83
N GLU A 151 5.05 -6.05 -10.14
CA GLU A 151 5.57 -7.15 -9.35
C GLU A 151 5.81 -6.69 -7.91
N PHE A 152 5.27 -7.43 -6.97
CA PHE A 152 5.50 -7.20 -5.59
C PHE A 152 6.71 -8.02 -5.23
N ARG A 153 7.73 -7.37 -4.73
CA ARG A 153 9.02 -7.96 -4.48
C ARG A 153 9.38 -7.91 -2.99
N HIS A 154 10.03 -8.99 -2.53
CA HIS A 154 10.43 -9.16 -1.13
C HIS A 154 11.84 -9.74 -1.11
N ASN A 155 12.74 -9.00 -0.45
CA ASN A 155 14.09 -9.50 -0.18
C ASN A 155 14.30 -9.64 1.32
N ALA A 156 14.50 -10.87 1.78
CA ALA A 156 14.82 -11.22 3.18
C ALA A 156 16.34 -11.24 3.48
N TYR A 157 17.15 -11.11 2.44
CA TYR A 157 18.64 -11.17 2.54
C TYR A 157 19.06 -12.43 3.32
N ASP A 158 19.83 -12.27 4.39
CA ASP A 158 20.30 -13.42 5.18
C ASP A 158 19.50 -13.64 6.46
N ASP A 159 18.31 -13.04 6.57
CA ASP A 159 17.47 -13.21 7.75
C ASP A 159 17.10 -14.67 7.97
N PRO A 160 17.46 -15.23 9.14
CA PRO A 160 16.95 -16.57 9.41
C PRO A 160 15.41 -16.60 9.35
N GLN A 161 14.88 -17.79 9.09
CA GLN A 161 13.46 -18.07 8.98
C GLN A 161 12.98 -18.78 10.25
N TYR A 162 12.85 -18.03 11.35
CA TYR A 162 12.53 -18.60 12.67
C TYR A 162 11.01 -18.65 12.91
N THR A 163 10.28 -17.59 12.55
CA THR A 163 8.82 -17.61 12.67
C THR A 163 8.09 -16.96 11.52
N ILE A 164 6.80 -17.30 11.42
CA ILE A 164 5.87 -16.64 10.54
C ILE A 164 5.51 -15.32 11.19
N GLY A 165 5.51 -14.23 10.37
CA GLY A 165 5.07 -12.90 10.81
C GLY A 165 4.32 -12.20 9.69
N ALA A 166 3.45 -11.28 10.06
CA ALA A 166 2.69 -10.50 9.10
C ALA A 166 3.30 -9.09 8.92
N GLY A 167 3.09 -8.53 7.74
CA GLY A 167 3.47 -7.18 7.46
C GLY A 167 2.45 -6.48 6.59
N ARG A 168 2.42 -5.16 6.73
CA ARG A 168 1.60 -4.31 5.93
C ARG A 168 2.43 -3.29 5.13
N VAL A 169 1.97 -2.99 3.94
CA VAL A 169 2.59 -1.99 3.10
C VAL A 169 1.52 -1.32 2.25
N ALA A 170 1.80 -0.11 1.79
CA ALA A 170 0.98 0.62 0.84
C ALA A 170 1.91 1.25 -0.19
N PHE A 171 1.54 1.08 -1.47
CA PHE A 171 2.29 1.66 -2.59
C PHE A 171 1.46 2.72 -3.33
N ASN A 172 2.03 3.91 -3.47
CA ASN A 172 1.37 5.01 -4.11
C ASN A 172 1.34 4.70 -5.61
N LEU A 173 0.15 4.64 -6.19
CA LEU A 173 0.01 4.31 -7.62
C LEU A 173 -0.06 5.52 -8.53
N SER A 174 0.19 6.70 -7.99
CA SER A 174 -0.09 7.90 -8.75
C SER A 174 0.87 8.08 -9.95
N SER A 175 1.95 7.30 -10.00
CA SER A 175 2.93 7.29 -11.08
C SER A 175 2.51 6.38 -12.23
N LEU A 176 1.40 5.65 -12.11
CA LEU A 176 0.91 4.85 -13.23
C LEU A 176 0.31 5.81 -14.28
N PRO A 177 0.37 5.43 -15.57
CA PRO A 177 -0.21 6.36 -16.55
C PRO A 177 -1.70 6.60 -16.29
N ASP A 178 -2.12 7.83 -16.59
CA ASP A 178 -3.51 8.22 -16.36
C ASP A 178 -4.41 7.29 -17.16
N THR A 179 -5.43 6.74 -16.54
CA THR A 179 -6.36 5.87 -17.24
C THR A 179 -7.44 6.71 -17.89
N LYS A 180 -7.27 8.03 -17.84
CA LYS A 180 -8.30 9.02 -18.13
C LYS A 180 -9.24 8.85 -16.93
N GLY A 181 -10.55 8.66 -17.14
CA GLY A 181 -11.41 8.22 -16.04
C GLY A 181 -12.09 6.88 -16.32
N GLU A 182 -11.42 6.03 -17.10
CA GLU A 182 -11.84 4.65 -17.36
C GLU A 182 -11.16 3.70 -16.37
N THR A 183 -11.74 2.53 -16.18
CA THR A 183 -11.15 1.46 -15.38
C THR A 183 -10.36 0.43 -16.21
N VAL A 184 -9.20 0.03 -15.71
CA VAL A 184 -8.32 -0.92 -16.38
C VAL A 184 -8.00 -2.03 -15.43
N ASP A 185 -7.39 -3.08 -15.96
CA ASP A 185 -6.94 -4.20 -15.19
C ASP A 185 -5.52 -3.99 -14.70
N LEU A 186 -5.34 -4.16 -13.40
CA LEU A 186 -4.02 -4.06 -12.78
C LEU A 186 -3.68 -5.47 -12.36
N VAL A 187 -2.56 -5.96 -12.86
CA VAL A 187 -2.07 -7.30 -12.59
C VAL A 187 -0.87 -7.11 -11.64
N VAL A 188 -0.93 -7.74 -10.48
CA VAL A 188 0.17 -7.74 -9.57
C VAL A 188 0.64 -9.18 -9.37
N ASN A 189 1.86 -9.45 -9.83
CA ASN A 189 2.57 -10.68 -9.63
C ASN A 189 3.37 -10.65 -8.33
N TYR A 190 3.44 -11.80 -7.65
CA TYR A 190 4.25 -11.97 -6.44
C TYR A 190 4.71 -13.42 -6.42
N TRP A 191 5.69 -13.73 -5.59
CA TRP A 191 6.28 -15.07 -5.54
C TRP A 191 6.01 -15.74 -4.23
N THR A 192 5.61 -17.01 -4.34
CA THR A 192 5.23 -17.81 -3.21
C THR A 192 6.09 -19.07 -3.21
N SER A 193 5.89 -19.89 -2.19
CA SER A 193 6.61 -21.13 -2.02
C SER A 193 6.21 -22.15 -3.09
N GLU A 194 5.02 -21.98 -3.67
CA GLU A 194 4.60 -22.81 -4.81
C GLU A 194 4.64 -22.02 -6.14
N GLY A 195 5.50 -20.99 -6.19
CA GLY A 195 5.84 -20.28 -7.43
C GLY A 195 5.20 -18.92 -7.60
N LYS A 196 5.36 -18.38 -8.81
CA LYS A 196 4.74 -17.13 -9.22
C LYS A 196 3.21 -17.19 -9.25
N GLN A 197 2.54 -16.21 -8.62
CA GLN A 197 1.10 -16.01 -8.73
C GLN A 197 0.80 -14.59 -9.08
N ALA A 198 -0.46 -14.32 -9.37
CA ALA A 198 -0.96 -13.06 -9.88
C ALA A 198 -2.28 -12.71 -9.19
N TYR A 199 -2.49 -11.43 -8.96
CA TYR A 199 -3.80 -10.99 -8.54
C TYR A 199 -4.20 -9.87 -9.47
N LYS A 200 -5.47 -9.85 -9.85
CA LYS A 200 -5.98 -8.90 -10.81
C LYS A 200 -6.97 -8.00 -10.15
N LEU A 201 -6.70 -6.72 -10.19
CA LEU A 201 -7.58 -5.75 -9.59
C LEU A 201 -8.00 -4.73 -10.66
N LYS A 202 -9.09 -4.05 -10.38
CA LYS A 202 -9.59 -2.98 -11.23
C LYS A 202 -8.96 -1.72 -10.71
N TYR A 203 -8.51 -0.86 -11.61
CA TYR A 203 -7.84 0.41 -11.29
C TYR A 203 -8.29 1.56 -12.22
N ASN A 204 -8.67 2.67 -11.61
CA ASN A 204 -9.07 3.87 -12.34
C ASN A 204 -8.28 5.01 -11.70
N SER A 205 -7.56 5.82 -12.50
CA SER A 205 -6.80 6.95 -11.94
C SER A 205 -7.69 7.96 -11.21
N ASP A 206 -8.96 8.02 -11.56
CA ASP A 206 -9.92 8.87 -10.84
C ASP A 206 -10.43 8.17 -9.56
N LYS A 207 -9.93 8.58 -8.38
CA LYS A 207 -10.36 8.02 -7.07
C LYS A 207 -11.86 8.03 -6.84
N THR A 208 -12.46 9.16 -7.22
CA THR A 208 -13.91 9.33 -7.26
C THR A 208 -14.67 8.10 -7.76
N LYS A 209 -14.30 7.59 -8.93
CA LYS A 209 -15.11 6.55 -9.61
C LYS A 209 -14.90 5.19 -8.95
N MSE A 210 -13.70 4.97 -8.41
CA MSE A 210 -13.41 3.79 -7.59
C MSE A 210 -14.46 3.72 -6.50
O MSE A 210 -14.79 2.64 -6.01
CB MSE A 210 -12.00 3.89 -6.95
CG MSE A 210 -10.81 3.95 -7.93
SE MSE A 210 -9.95 2.21 -8.19
CE MSE A 210 -11.41 1.43 -9.18
N ASN A 224 0.45 4.63 -29.62
CA ASN A 224 0.89 4.30 -28.26
C ASN A 224 -0.18 3.52 -27.47
N ILE A 225 0.17 3.12 -26.25
CA ILE A 225 -0.48 2.01 -25.55
C ILE A 225 -1.74 2.39 -24.79
N THR A 226 -1.77 3.64 -24.28
CA THR A 226 -2.94 4.12 -23.53
CA THR A 226 -2.89 4.17 -23.52
C THR A 226 -3.83 5.00 -24.41
N ASP A 227 -3.32 5.43 -25.57
CA ASP A 227 -4.11 6.31 -26.43
C ASP A 227 -5.07 5.56 -27.37
N MSE A 228 -4.89 4.23 -27.50
CA MSE A 228 -5.68 3.39 -28.39
C MSE A 228 -5.97 2.03 -27.85
O MSE A 228 -5.18 1.48 -27.17
CB MSE A 228 -4.99 3.16 -29.75
CG MSE A 228 -4.30 4.30 -30.32
SE MSE A 228 -3.52 3.75 -31.97
CE MSE A 228 -2.03 2.91 -31.44
N LYS A 229 -7.10 1.47 -28.20
CA LYS A 229 -7.41 0.11 -27.79
C LYS A 229 -8.29 -0.56 -28.86
O1 2PE B . -17.07 -5.51 0.44
C2 2PE B . -16.24 -6.07 -0.59
C3 2PE B . -15.38 -7.19 0.01
O4 2PE B . -14.07 -6.73 0.37
C5 2PE B . -13.02 -6.58 -0.58
C6 2PE B . -11.70 -7.00 0.10
O7 2PE B . -10.92 -5.84 0.43
C8 2PE B . -9.90 -5.88 1.42
C9 2PE B . -10.17 -4.87 2.56
O10 2PE B . -10.78 -3.69 2.05
O1 2PE C . -5.98 -6.99 11.88
C2 2PE C . -6.44 -5.63 11.68
C3 2PE C . -7.35 -5.59 10.43
O4 2PE C . -7.29 -4.30 9.84
C5 2PE C . -8.31 -3.77 9.01
C6 2PE C . -7.64 -3.50 7.64
O7 2PE C . -7.22 -4.74 7.09
C8 2PE C . -7.14 -4.95 5.71
C9 2PE C . -7.26 -6.45 5.40
O10 2PE C . -6.37 -7.12 6.24
C11 2PE C . -6.77 -8.27 6.95
C12 2PE C . -5.58 -8.84 7.70
O13 2PE C . -6.07 -9.74 8.70
#